data_7R6L
#
_entry.id   7R6L
#
_cell.length_a   1.00
_cell.length_b   1.00
_cell.length_c   1.00
_cell.angle_alpha   90.00
_cell.angle_beta   90.00
_cell.angle_gamma   90.00
#
_symmetry.space_group_name_H-M   'P 1'
#
loop_
_entity.id
_entity.type
_entity.pdbx_description
1 polymer 'Group I intron, 5 prime fragment'
2 polymer 'Group I intron, 3 prime fragment plus 3 prime exon'
3 non-polymer 'MAGNESIUM ION'
#
loop_
_entity_poly.entity_id
_entity_poly.type
_entity_poly.pdbx_seq_one_letter_code
_entity_poly.pdbx_strand_id
1 'polyribonucleotide'
;GGCCGGGUGGAGGGAAAAGUUAUCAGGCAUGCACCUGGUAGCUAGUCUUUAAACCAAUAGAUUGCAUCGGUUUAAAAGGC
AAGACCGUCAAAUUGCGGGAAAGGGGUCAACAGCCGUUCAGUACCAAGUCUCAGGGGAAACUUUGAGAUGGCCUUGCAAA
GGGUAUGGUAAUAAGCUGACGGACAUGGUCCUAACCACGCAGCCAAGUCCUAAGUCAAGGAUGGUUCUUGAUAUGGAUGC
AGUUCACAGACUAAAUGUCGGUCGGGGAAGAGAACCAUCCUCUUCUCAUAAGAUAUAGUCGGACCUCUCCUUAAUGGGAG
CUAGCGGAUGAAGUGAUGCAACACUGGAGCCGCUGGGAACUAAUUUGUAUGCGAA
;
A
2 'polydeoxyribonucleotide/polyribonucleotide hybrid' AGUAUAUUGAUUAGUUUUGGAGUACUC(DG)(DA)CCCGGCCA B
#